data_2VP2
#
_entry.id   2VP2
#
_cell.length_a   119.742
_cell.length_b   65.055
_cell.length_c   69.188
_cell.angle_alpha   90.00
_cell.angle_beta   90.00
_cell.angle_gamma   90.00
#
_symmetry.space_group_name_H-M   'P 21 21 2'
#
loop_
_entity.id
_entity.type
_entity.pdbx_description
1 polymer 'DEOXYNUCLEOSIDE KINASE'
2 non-polymer "2'-DEOXYGUANOSINE-5'-TRIPHOSPHATE"
3 water water
#
_entity_poly.entity_id   1
_entity_poly.type   'polypeptide(L)'
_entity_poly.pdbx_seq_one_letter_code
;MAEAASCARKGTKYAEGTQPFTVLIEGNIGSGKTTYLNHFEKYKNDICLLTEPVEKWRNVNGVNLLELMYKDPKKWAMPF
QSYVTLTMLQSHTAPTNKKLKIMERSIFSARYCFVENMRRNGSLEQGMYNTLEEWYKFIEESIHVQADLIIYLRTSPEVA
YERIRQRARSEESCVPLKYLQELHELHEDWLIHQRRPQSCKVLVLDADLNLENIGTEYQRSESSIFDAIS
;
_entity_poly.pdbx_strand_id   A,B
#
# COMPACT_ATOMS: atom_id res chain seq x y z
N THR A 12 20.37 -1.87 3.17
CA THR A 12 19.89 -3.15 2.59
C THR A 12 18.41 -3.40 2.93
N LYS A 13 17.75 -4.16 2.06
CA LYS A 13 16.30 -4.33 2.06
C LYS A 13 15.79 -5.37 3.03
N TYR A 14 14.51 -5.28 3.36
CA TYR A 14 13.88 -6.31 4.17
C TYR A 14 13.85 -7.64 3.39
N ALA A 15 14.12 -8.73 4.10
CA ALA A 15 14.20 -10.10 3.54
C ALA A 15 15.47 -10.41 2.73
N GLU A 16 16.30 -9.40 2.48
CA GLU A 16 17.52 -9.57 1.72
C GLU A 16 18.44 -10.57 2.42
N GLY A 17 18.99 -11.49 1.63
CA GLY A 17 19.93 -12.51 2.15
C GLY A 17 19.27 -13.76 2.72
N THR A 18 17.94 -13.76 2.86
CA THR A 18 17.25 -14.79 3.61
C THR A 18 16.48 -15.73 2.71
N GLN A 19 16.59 -15.53 1.40
CA GLN A 19 15.71 -16.24 0.49
C GLN A 19 16.43 -17.24 -0.41
N PRO A 20 15.87 -18.45 -0.56
CA PRO A 20 16.53 -19.39 -1.45
C PRO A 20 16.19 -19.09 -2.91
N PHE A 21 16.83 -19.84 -3.80
CA PHE A 21 16.42 -19.89 -5.21
C PHE A 21 14.90 -19.95 -5.26
N THR A 22 14.29 -19.06 -6.05
CA THR A 22 12.84 -18.91 -6.06
C THR A 22 12.24 -18.97 -7.48
N VAL A 23 11.22 -19.82 -7.65
CA VAL A 23 10.51 -19.96 -8.93
C VAL A 23 9.11 -19.36 -8.87
N LEU A 24 8.73 -18.59 -9.88
CA LEU A 24 7.37 -18.04 -9.91
C LEU A 24 6.54 -18.67 -10.99
N ILE A 25 5.34 -19.11 -10.66
CA ILE A 25 4.46 -19.74 -11.62
C ILE A 25 3.48 -18.69 -12.14
N GLU A 26 3.55 -18.43 -13.43
CA GLU A 26 2.69 -17.42 -14.03
C GLU A 26 1.86 -17.96 -15.21
N GLY A 27 0.76 -17.28 -15.51
CA GLY A 27 -0.12 -17.60 -16.62
C GLY A 27 -1.47 -16.98 -16.34
N ASN A 28 -2.32 -16.98 -17.35
CA ASN A 28 -3.63 -16.35 -17.30
C ASN A 28 -4.54 -16.99 -16.23
N ILE A 29 -5.62 -16.29 -15.87
CA ILE A 29 -6.68 -16.85 -15.05
C ILE A 29 -7.05 -18.20 -15.65
N GLY A 30 -7.33 -19.17 -14.79
CA GLY A 30 -7.72 -20.49 -15.26
C GLY A 30 -6.67 -21.29 -16.02
N SER A 31 -5.46 -20.78 -16.20
CA SER A 31 -4.45 -21.52 -16.99
C SER A 31 -3.87 -22.79 -16.35
N GLY A 32 -4.15 -23.03 -15.07
CA GLY A 32 -3.67 -24.22 -14.36
C GLY A 32 -2.48 -24.09 -13.40
N LYS A 33 -2.20 -22.87 -12.95
CA LYS A 33 -1.07 -22.63 -12.02
C LYS A 33 -1.17 -23.50 -10.76
N THR A 34 -2.31 -23.47 -10.09
CA THR A 34 -2.48 -24.28 -8.89
C THR A 34 -2.30 -25.78 -9.22
N THR A 35 -2.97 -26.26 -10.26
CA THR A 35 -2.81 -27.65 -10.71
C THR A 35 -1.36 -28.03 -10.92
N TYR A 36 -0.63 -27.21 -11.68
CA TYR A 36 0.78 -27.47 -11.91
C TYR A 36 1.54 -27.61 -10.59
N LEU A 37 1.28 -26.70 -9.66
CA LEU A 37 1.97 -26.70 -8.38
C LEU A 37 1.79 -27.96 -7.53
N ASN A 38 0.60 -28.57 -7.62
CA ASN A 38 0.30 -29.78 -6.88
C ASN A 38 1.19 -30.96 -7.26
N HIS A 39 1.71 -30.96 -8.48
CA HIS A 39 2.71 -31.97 -8.86
C HIS A 39 3.92 -31.92 -7.96
N PHE A 40 4.10 -30.80 -7.26
CA PHE A 40 5.24 -30.63 -6.37
C PHE A 40 4.92 -30.94 -4.91
N GLU A 41 3.69 -31.38 -4.64
CA GLU A 41 3.18 -31.55 -3.27
C GLU A 41 3.84 -32.67 -2.45
N LYS A 42 4.32 -33.74 -3.10
CA LYS A 42 4.94 -34.84 -2.33
C LYS A 42 6.34 -34.51 -1.79
N TYR A 43 7.11 -33.77 -2.58
CA TYR A 43 8.27 -33.02 -2.09
C TYR A 43 8.30 -32.02 -0.97
N LYS A 44 7.16 -31.54 -0.47
CA LYS A 44 7.21 -30.33 0.36
C LYS A 44 7.85 -30.04 1.69
N ASN A 45 8.54 -31.06 2.21
CA ASN A 45 9.34 -30.90 3.39
C ASN A 45 10.70 -30.35 2.96
N ASP A 46 10.92 -30.33 1.63
CA ASP A 46 12.14 -29.78 1.03
C ASP A 46 11.90 -28.60 0.11
N ILE A 47 10.65 -28.32 -0.22
CA ILE A 47 10.33 -27.18 -1.07
C ILE A 47 9.25 -26.35 -0.37
N CYS A 48 9.45 -25.03 -0.36
CA CYS A 48 8.47 -24.11 0.20
C CYS A 48 7.46 -23.71 -0.87
N LEU A 49 6.21 -24.12 -0.68
CA LEU A 49 5.17 -23.99 -1.69
C LEU A 49 4.14 -22.99 -1.25
N LEU A 50 4.08 -21.86 -1.96
CA LEU A 50 3.12 -20.83 -1.62
C LEU A 50 2.09 -20.72 -2.75
N THR A 51 0.96 -21.40 -2.56
CA THR A 51 0.01 -21.59 -3.62
C THR A 51 -1.28 -20.87 -3.33
N GLU A 52 -2.09 -20.69 -4.36
CA GLU A 52 -3.48 -20.31 -4.16
C GLU A 52 -3.68 -19.02 -3.30
N PRO A 53 -3.09 -17.88 -3.73
CA PRO A 53 -3.34 -16.61 -3.05
C PRO A 53 -4.75 -16.01 -3.22
N VAL A 54 -5.54 -16.47 -4.21
CA VAL A 54 -6.96 -16.05 -4.37
C VAL A 54 -7.76 -16.24 -3.09
N GLU A 55 -7.42 -17.27 -2.33
CA GLU A 55 -8.17 -17.59 -1.13
C GLU A 55 -8.07 -16.50 -0.07
N LYS A 56 -6.91 -15.87 0.05
CA LYS A 56 -6.71 -14.76 0.97
C LYS A 56 -7.52 -13.57 0.51
N TRP A 57 -7.71 -13.43 -0.80
CA TRP A 57 -8.46 -12.32 -1.38
C TRP A 57 -9.99 -12.47 -1.23
N ARG A 58 -10.44 -13.71 -1.06
CA ARG A 58 -11.85 -14.01 -0.90
C ARG A 58 -12.32 -13.82 0.55
N ASN A 59 -11.39 -13.67 1.47
CA ASN A 59 -11.74 -13.61 2.89
C ASN A 59 -10.71 -12.78 3.63
N VAL A 60 -11.01 -11.48 3.75
CA VAL A 60 -10.13 -10.56 4.48
C VAL A 60 -10.83 -10.20 5.78
N ASN A 61 -10.57 -11.00 6.81
CA ASN A 61 -11.35 -11.04 8.05
C ASN A 61 -12.84 -10.93 7.75
N GLY A 62 -13.33 -11.86 6.93
CA GLY A 62 -14.73 -11.85 6.53
C GLY A 62 -15.04 -11.28 5.16
N VAL A 63 -14.44 -10.15 4.80
CA VAL A 63 -14.74 -9.46 3.52
C VAL A 63 -14.21 -10.17 2.26
N ASN A 64 -15.10 -10.39 1.29
CA ASN A 64 -14.69 -10.97 0.00
C ASN A 64 -14.35 -9.84 -0.94
N LEU A 65 -13.07 -9.50 -1.01
CA LEU A 65 -12.60 -8.39 -1.84
C LEU A 65 -12.70 -8.72 -3.32
N LEU A 66 -12.51 -10.01 -3.66
CA LEU A 66 -12.61 -10.46 -5.05
C LEU A 66 -13.99 -10.20 -5.58
N GLU A 67 -14.99 -10.56 -4.77
CA GLU A 67 -16.40 -10.37 -5.08
C GLU A 67 -16.73 -8.89 -5.27
N LEU A 68 -16.25 -8.04 -4.36
CA LEU A 68 -16.52 -6.62 -4.42
C LEU A 68 -15.82 -5.96 -5.62
N MET A 69 -14.63 -6.46 -5.96
CA MET A 69 -13.88 -5.90 -7.08
C MET A 69 -14.60 -6.20 -8.41
N TYR A 70 -15.23 -7.36 -8.48
CA TYR A 70 -16.01 -7.73 -9.65
C TYR A 70 -17.36 -7.05 -9.68
N LYS A 71 -18.04 -6.99 -8.53
CA LYS A 71 -19.33 -6.27 -8.46
C LYS A 71 -19.19 -4.77 -8.73
N ASP A 72 -18.13 -4.15 -8.22
CA ASP A 72 -17.98 -2.70 -8.26
C ASP A 72 -16.52 -2.22 -8.45
N PRO A 73 -15.95 -2.44 -9.65
CA PRO A 73 -14.54 -2.12 -9.92
C PRO A 73 -14.11 -0.67 -9.63
N LYS A 74 -14.90 0.32 -10.04
CA LYS A 74 -14.47 1.72 -9.93
C LYS A 74 -14.26 2.09 -8.47
N LYS A 75 -14.85 1.32 -7.58
CA LYS A 75 -14.73 1.57 -6.14
C LYS A 75 -13.73 0.60 -5.44
N TRP A 76 -13.67 -0.65 -5.94
CA TRP A 76 -12.95 -1.70 -5.24
C TRP A 76 -11.66 -2.16 -5.89
N ALA A 77 -11.46 -1.80 -7.16
CA ALA A 77 -10.20 -2.12 -7.83
C ALA A 77 -9.01 -1.63 -7.00
N MET A 78 -9.03 -0.35 -6.61
CA MET A 78 -7.95 0.25 -5.83
C MET A 78 -7.61 -0.58 -4.58
N PRO A 79 -8.56 -0.72 -3.65
CA PRO A 79 -8.22 -1.43 -2.39
C PRO A 79 -7.84 -2.91 -2.61
N PHE A 80 -8.44 -3.55 -3.61
CA PHE A 80 -8.11 -4.91 -3.99
C PHE A 80 -6.63 -5.03 -4.44
N GLN A 81 -6.22 -4.22 -5.43
CA GLN A 81 -4.83 -4.21 -5.87
C GLN A 81 -3.91 -3.97 -4.71
N SER A 82 -4.34 -3.11 -3.79
CA SER A 82 -3.49 -2.80 -2.66
C SER A 82 -3.27 -4.02 -1.78
N TYR A 83 -4.28 -4.88 -1.69
CA TYR A 83 -4.15 -6.07 -0.86
C TYR A 83 -3.46 -7.19 -1.62
N VAL A 84 -3.71 -7.25 -2.92
CA VAL A 84 -2.97 -8.15 -3.79
C VAL A 84 -1.47 -7.93 -3.61
N THR A 85 -1.02 -6.67 -3.72
CA THR A 85 0.38 -6.27 -3.47
C THR A 85 0.91 -6.76 -2.14
N LEU A 86 0.18 -6.48 -1.07
CA LEU A 86 0.56 -6.94 0.24
C LEU A 86 0.76 -8.46 0.32
N THR A 87 -0.22 -9.22 -0.18
CA THR A 87 -0.17 -10.66 -0.02
C THR A 87 1.00 -11.26 -0.79
N MET A 88 1.30 -10.66 -1.95
CA MET A 88 2.49 -11.01 -2.73
C MET A 88 3.76 -10.70 -1.96
N LEU A 89 3.85 -9.50 -1.41
CA LEU A 89 4.95 -9.16 -0.51
C LEU A 89 5.10 -10.18 0.63
N GLN A 90 3.99 -10.56 1.25
CA GLN A 90 4.08 -11.55 2.36
C GLN A 90 4.63 -12.91 1.92
N SER A 91 4.33 -13.33 0.70
CA SER A 91 4.85 -14.57 0.16
C SER A 91 6.32 -14.44 -0.27
N HIS A 92 6.63 -13.44 -1.10
CA HIS A 92 8.03 -13.18 -1.52
C HIS A 92 9.01 -13.12 -0.36
N THR A 93 8.58 -12.52 0.74
CA THR A 93 9.48 -12.32 1.86
C THR A 93 9.26 -13.31 3.01
N ALA A 94 8.28 -14.20 2.88
CA ALA A 94 8.11 -15.25 3.88
C ALA A 94 9.42 -16.01 4.11
N PRO A 95 9.81 -16.18 5.39
CA PRO A 95 11.08 -16.85 5.69
C PRO A 95 11.00 -18.36 5.46
N THR A 96 12.12 -18.96 5.08
CA THR A 96 12.16 -20.40 4.94
C THR A 96 13.57 -20.93 5.11
N ASN A 97 13.65 -22.14 5.65
CA ASN A 97 14.89 -22.90 5.74
C ASN A 97 15.11 -23.88 4.59
N LYS A 98 14.13 -23.98 3.70
CA LYS A 98 14.21 -24.92 2.59
C LYS A 98 14.99 -24.32 1.42
N LYS A 99 15.61 -25.20 0.61
CA LYS A 99 16.58 -24.81 -0.41
C LYS A 99 15.92 -24.28 -1.69
N LEU A 100 14.59 -24.32 -1.74
CA LEU A 100 13.82 -23.87 -2.88
C LEU A 100 12.44 -23.30 -2.49
N LYS A 101 12.06 -22.16 -3.10
CA LYS A 101 10.69 -21.64 -2.97
C LYS A 101 10.02 -21.63 -4.34
N ILE A 102 8.78 -22.08 -4.39
CA ILE A 102 7.94 -21.97 -5.58
C ILE A 102 6.61 -21.30 -5.24
N MET A 103 6.31 -20.20 -5.91
CA MET A 103 5.17 -19.36 -5.59
C MET A 103 4.18 -19.33 -6.73
N GLU A 104 2.89 -19.33 -6.41
CA GLU A 104 1.90 -19.02 -7.42
C GLU A 104 1.77 -17.50 -7.58
N ARG A 105 2.07 -17.02 -8.78
CA ARG A 105 2.05 -15.62 -9.09
C ARG A 105 3.16 -14.88 -8.37
N SER A 106 3.17 -13.55 -8.51
CA SER A 106 4.18 -12.68 -7.94
C SER A 106 3.62 -11.26 -8.01
N ILE A 107 4.35 -10.31 -7.43
CA ILE A 107 4.02 -8.91 -7.55
C ILE A 107 4.14 -8.40 -9.00
N PHE A 108 4.95 -9.05 -9.84
CA PHE A 108 5.12 -8.54 -11.22
C PHE A 108 3.89 -8.72 -12.14
N SER A 109 3.12 -9.80 -11.95
CA SER A 109 1.89 -9.98 -12.77
C SER A 109 0.79 -9.00 -12.38
N ALA A 110 0.72 -8.67 -11.10
CA ALA A 110 -0.22 -7.64 -10.68
C ALA A 110 0.17 -6.31 -11.32
N ARG A 111 1.44 -5.94 -11.23
CA ARG A 111 1.91 -4.68 -11.80
C ARG A 111 1.90 -4.64 -13.34
N TYR A 112 2.42 -5.68 -13.98
CA TYR A 112 2.53 -5.63 -15.46
C TYR A 112 1.32 -6.13 -16.23
N CYS A 113 0.45 -6.94 -15.61
CA CYS A 113 -0.76 -7.42 -16.30
C CYS A 113 -2.08 -6.84 -15.80
N PHE A 114 -2.41 -7.09 -14.55
CA PHE A 114 -3.72 -6.65 -14.06
C PHE A 114 -3.85 -5.15 -13.92
N VAL A 115 -2.87 -4.51 -13.29
CA VAL A 115 -2.99 -3.07 -13.08
C VAL A 115 -3.03 -2.34 -14.43
N GLU A 116 -2.21 -2.80 -15.37
CA GLU A 116 -2.24 -2.26 -16.70
C GLU A 116 -3.67 -2.30 -17.25
N ASN A 117 -4.28 -3.49 -17.22
CA ASN A 117 -5.60 -3.66 -17.80
C ASN A 117 -6.67 -2.80 -17.12
N MET A 118 -6.67 -2.79 -15.80
CA MET A 118 -7.61 -2.00 -15.00
C MET A 118 -7.45 -0.52 -15.26
N ARG A 119 -6.23 -0.08 -15.54
CA ARG A 119 -5.99 1.32 -15.91
C ARG A 119 -6.67 1.59 -17.25
N ARG A 120 -6.43 0.73 -18.23
CA ARG A 120 -7.07 0.85 -19.54
C ARG A 120 -8.60 0.79 -19.57
N ASN A 121 -9.21 -0.08 -18.78
CA ASN A 121 -10.67 -0.22 -18.77
C ASN A 121 -11.37 0.76 -17.83
N GLY A 122 -10.57 1.64 -17.24
CA GLY A 122 -11.09 2.74 -16.44
C GLY A 122 -11.38 2.41 -14.99
N SER A 123 -11.14 1.18 -14.57
CA SER A 123 -11.36 0.82 -13.15
C SER A 123 -10.40 1.55 -12.21
N LEU A 124 -9.23 1.94 -12.72
CA LEU A 124 -8.23 2.68 -11.96
C LEU A 124 -8.01 4.01 -12.65
N GLU A 125 -8.40 5.08 -11.98
CA GLU A 125 -8.19 6.42 -12.50
C GLU A 125 -6.71 6.76 -12.37
N GLN A 126 -6.25 7.76 -13.10
CA GLN A 126 -4.84 8.17 -13.03
C GLN A 126 -4.29 8.27 -11.61
N GLY A 127 -5.07 8.83 -10.69
CA GLY A 127 -4.59 9.10 -9.34
C GLY A 127 -4.29 7.85 -8.53
N MET A 128 -5.16 6.85 -8.70
CA MET A 128 -5.03 5.56 -8.07
C MET A 128 -3.87 4.77 -8.66
N TYR A 129 -3.74 4.86 -9.98
CA TYR A 129 -2.67 4.23 -10.73
C TYR A 129 -1.35 4.85 -10.30
N ASN A 130 -1.29 6.19 -10.26
CA ASN A 130 -0.10 6.90 -9.81
C ASN A 130 0.35 6.45 -8.42
N THR A 131 -0.63 6.25 -7.53
CA THR A 131 -0.38 5.83 -6.16
C THR A 131 0.21 4.44 -6.11
N LEU A 132 -0.35 3.52 -6.89
CA LEU A 132 0.17 2.14 -6.91
C LEU A 132 1.59 2.12 -7.47
N GLU A 133 1.83 2.92 -8.49
CA GLU A 133 3.14 2.99 -9.13
C GLU A 133 4.23 3.55 -8.22
N GLU A 134 3.89 4.63 -7.50
CA GLU A 134 4.77 5.14 -6.45
C GLU A 134 5.10 4.07 -5.43
N TRP A 135 4.10 3.29 -5.02
CA TRP A 135 4.29 2.18 -4.10
C TRP A 135 5.21 1.10 -4.69
N TYR A 136 5.08 0.79 -5.98
CA TYR A 136 5.92 -0.25 -6.59
C TYR A 136 7.38 0.16 -6.53
N LYS A 137 7.65 1.46 -6.74
CA LYS A 137 9.03 1.97 -6.62
C LYS A 137 9.57 1.87 -5.19
N PHE A 138 8.79 2.30 -4.21
CA PHE A 138 9.29 2.23 -2.83
C PHE A 138 9.56 0.79 -2.35
N ILE A 139 8.66 -0.14 -2.70
CA ILE A 139 8.90 -1.59 -2.51
C ILE A 139 10.22 -2.07 -3.16
N GLU A 140 10.49 -1.64 -4.38
CA GLU A 140 11.72 -2.05 -5.05
C GLU A 140 12.95 -1.62 -4.27
N GLU A 141 12.84 -0.49 -3.57
CA GLU A 141 13.94 0.08 -2.78
C GLU A 141 14.00 -0.47 -1.38
N SER A 142 12.85 -0.84 -0.81
CA SER A 142 12.80 -1.23 0.60
C SER A 142 12.74 -2.73 0.86
N ILE A 143 12.11 -3.46 -0.06
CA ILE A 143 11.76 -4.87 0.11
C ILE A 143 12.47 -5.77 -0.93
N HIS A 144 13.23 -6.75 -0.45
CA HIS A 144 13.86 -7.70 -1.37
C HIS A 144 12.87 -8.74 -1.89
N VAL A 145 12.79 -8.85 -3.22
CA VAL A 145 11.94 -9.80 -3.93
C VAL A 145 12.81 -10.77 -4.75
N GLN A 146 13.03 -11.97 -4.20
CA GLN A 146 13.85 -12.99 -4.87
C GLN A 146 13.11 -13.62 -6.04
N ALA A 147 13.70 -13.55 -7.24
CA ALA A 147 13.13 -14.17 -8.43
C ALA A 147 14.26 -14.74 -9.29
N ASP A 148 14.28 -16.05 -9.47
CA ASP A 148 15.37 -16.72 -10.21
C ASP A 148 14.86 -17.36 -11.51
N LEU A 149 13.61 -17.79 -11.48
CA LEU A 149 12.99 -18.42 -12.64
C LEU A 149 11.50 -18.15 -12.61
N ILE A 150 10.93 -17.83 -13.77
CA ILE A 150 9.50 -17.83 -13.95
C ILE A 150 9.14 -18.96 -14.91
N ILE A 151 8.15 -19.76 -14.54
CA ILE A 151 7.60 -20.76 -15.46
C ILE A 151 6.27 -20.23 -15.95
N TYR A 152 6.13 -20.14 -17.26
CA TYR A 152 4.98 -19.53 -17.87
C TYR A 152 4.07 -20.59 -18.48
N LEU A 153 2.88 -20.77 -17.89
CA LEU A 153 1.90 -21.72 -18.40
C LEU A 153 1.08 -21.06 -19.50
N ARG A 154 1.58 -21.19 -20.72
CA ARG A 154 1.01 -20.45 -21.83
C ARG A 154 -0.23 -21.17 -22.30
N THR A 155 -1.31 -20.42 -22.45
CA THR A 155 -2.55 -20.95 -22.93
C THR A 155 -3.13 -19.99 -23.96
N SER A 156 -4.21 -20.42 -24.59
CA SER A 156 -4.95 -19.59 -25.49
C SER A 156 -6.10 -19.00 -24.68
N PRO A 157 -6.48 -17.77 -24.96
CA PRO A 157 -7.49 -17.22 -24.07
C PRO A 157 -8.77 -18.04 -24.04
N GLU A 158 -9.00 -18.84 -25.09
CA GLU A 158 -10.22 -19.65 -25.19
C GLU A 158 -10.18 -20.88 -24.29
N VAL A 159 -9.04 -21.56 -24.21
CA VAL A 159 -8.90 -22.65 -23.26
C VAL A 159 -9.02 -22.11 -21.81
N ALA A 160 -8.32 -21.00 -21.54
CA ALA A 160 -8.40 -20.35 -20.23
C ALA A 160 -9.84 -20.09 -19.81
N TYR A 161 -10.64 -19.60 -20.75
CA TYR A 161 -12.06 -19.36 -20.52
C TYR A 161 -12.83 -20.63 -20.15
N GLU A 162 -12.63 -21.71 -20.92
CA GLU A 162 -13.25 -22.99 -20.63
C GLU A 162 -12.97 -23.39 -19.19
N ARG A 163 -11.70 -23.38 -18.82
CA ARG A 163 -11.31 -23.70 -17.45
C ARG A 163 -11.97 -22.80 -16.39
N ILE A 164 -12.06 -21.51 -16.67
CA ILE A 164 -12.80 -20.61 -15.77
C ILE A 164 -14.25 -21.03 -15.61
N ARG A 165 -14.87 -21.39 -16.72
CA ARG A 165 -16.26 -21.83 -16.72
C ARG A 165 -16.47 -23.16 -15.98
N GLN A 166 -15.59 -24.13 -16.25
CA GLN A 166 -15.63 -25.43 -15.59
C GLN A 166 -15.48 -25.27 -14.08
N ARG A 167 -14.59 -24.39 -13.66
CA ARG A 167 -14.33 -24.16 -12.24
C ARG A 167 -15.51 -23.44 -11.59
N ALA A 168 -16.18 -22.57 -12.34
CA ALA A 168 -17.39 -21.89 -11.85
C ALA A 168 -17.28 -21.24 -10.46
N ARG A 169 -16.31 -20.34 -10.28
CA ARG A 169 -16.26 -19.48 -9.10
C ARG A 169 -17.35 -18.43 -9.30
N SER A 170 -18.16 -18.24 -8.27
CA SER A 170 -19.26 -17.28 -8.34
C SER A 170 -18.81 -15.84 -8.64
N GLU A 171 -17.63 -15.46 -8.16
CA GLU A 171 -17.08 -14.11 -8.38
C GLU A 171 -16.79 -13.87 -9.87
N GLU A 172 -16.40 -14.94 -10.55
CA GLU A 172 -15.98 -14.87 -11.94
C GLU A 172 -17.12 -15.10 -12.95
N SER A 173 -18.36 -15.11 -12.44
CA SER A 173 -19.51 -15.47 -13.26
C SER A 173 -19.69 -14.56 -14.46
N CYS A 174 -19.31 -13.29 -14.32
CA CYS A 174 -19.51 -12.32 -15.40
C CYS A 174 -18.27 -12.06 -16.23
N VAL A 175 -17.21 -12.84 -16.02
CA VAL A 175 -15.93 -12.62 -16.70
C VAL A 175 -16.03 -13.01 -18.19
N PRO A 176 -16.00 -12.01 -19.09
CA PRO A 176 -16.11 -12.28 -20.54
C PRO A 176 -14.78 -12.72 -21.16
N LEU A 177 -14.87 -13.45 -22.28
CA LEU A 177 -13.70 -13.87 -23.05
C LEU A 177 -12.77 -12.72 -23.41
N LYS A 178 -13.34 -11.54 -23.65
CA LYS A 178 -12.56 -10.34 -23.99
C LYS A 178 -11.52 -9.97 -22.91
N TYR A 179 -11.91 -10.14 -21.64
CA TYR A 179 -11.03 -9.87 -20.50
C TYR A 179 -9.78 -10.73 -20.58
N LEU A 180 -9.99 -12.01 -20.89
CA LEU A 180 -8.91 -12.98 -20.96
C LEU A 180 -8.01 -12.78 -22.16
N GLN A 181 -8.59 -12.39 -23.28
CA GLN A 181 -7.82 -12.00 -24.47
C GLN A 181 -6.89 -10.84 -24.14
N GLU A 182 -7.43 -9.84 -23.45
CA GLU A 182 -6.67 -8.68 -23.00
C GLU A 182 -5.53 -9.11 -22.10
N LEU A 183 -5.83 -9.96 -21.09
CA LEU A 183 -4.81 -10.40 -20.13
C LEU A 183 -3.76 -11.26 -20.75
N HIS A 184 -4.20 -12.13 -21.67
CA HIS A 184 -3.30 -12.99 -22.39
C HIS A 184 -2.23 -12.15 -23.12
N GLU A 185 -2.66 -11.17 -23.91
CA GLU A 185 -1.68 -10.33 -24.62
C GLU A 185 -0.74 -9.59 -23.65
N LEU A 186 -1.26 -9.18 -22.48
CA LEU A 186 -0.38 -8.63 -21.43
C LEU A 186 0.64 -9.62 -20.86
N HIS A 187 0.25 -10.87 -20.66
CA HIS A 187 1.24 -11.88 -20.24
C HIS A 187 2.26 -12.12 -21.36
N GLU A 188 1.81 -12.11 -22.61
CA GLU A 188 2.73 -12.27 -23.76
C GLU A 188 3.75 -11.12 -23.88
N ASP A 189 3.30 -9.87 -23.72
CA ASP A 189 4.18 -8.70 -23.81
C ASP A 189 5.31 -8.77 -22.80
N TRP A 190 5.01 -9.35 -21.64
CA TRP A 190 5.95 -9.45 -20.55
C TRP A 190 6.80 -10.71 -20.64
N LEU A 191 6.17 -11.87 -20.79
CA LEU A 191 6.93 -13.14 -20.73
C LEU A 191 7.51 -13.64 -22.07
N ILE A 192 6.96 -13.16 -23.18
CA ILE A 192 7.44 -13.57 -24.50
C ILE A 192 8.22 -12.44 -25.18
N HIS A 193 7.63 -11.25 -25.27
CA HIS A 193 8.30 -10.16 -25.97
C HIS A 193 9.27 -9.41 -25.09
N GLN A 194 9.20 -9.66 -23.78
CA GLN A 194 10.14 -9.07 -22.80
C GLN A 194 10.13 -7.55 -22.85
N ARG A 195 8.93 -7.00 -22.88
CA ARG A 195 8.76 -5.57 -22.93
C ARG A 195 8.61 -4.95 -21.53
N ARG A 196 8.92 -5.73 -20.49
CA ARG A 196 8.97 -5.25 -19.10
C ARG A 196 10.38 -5.42 -18.54
N PRO A 197 10.71 -4.69 -17.46
CA PRO A 197 12.03 -4.70 -16.81
C PRO A 197 12.95 -5.96 -16.87
N GLN A 198 12.77 -6.97 -16.02
CA GLN A 198 13.82 -8.02 -15.92
C GLN A 198 13.42 -9.36 -16.52
N SER A 199 12.74 -10.14 -15.69
CA SER A 199 12.20 -11.47 -16.02
C SER A 199 13.24 -12.62 -15.91
N CYS A 200 14.13 -12.54 -14.91
CA CYS A 200 15.02 -13.65 -14.59
C CYS A 200 15.10 -14.49 -15.86
N LYS A 201 14.96 -15.80 -15.81
CA LYS A 201 14.77 -16.48 -17.08
C LYS A 201 13.33 -16.93 -17.11
N VAL A 202 12.77 -17.04 -18.31
CA VAL A 202 11.42 -17.54 -18.48
C VAL A 202 11.42 -18.91 -19.19
N LEU A 203 11.03 -19.95 -18.46
CA LEU A 203 10.76 -21.24 -19.04
C LEU A 203 9.30 -21.25 -19.51
N VAL A 204 9.07 -21.45 -20.80
CA VAL A 204 7.72 -21.39 -21.36
C VAL A 204 7.15 -22.78 -21.50
N LEU A 205 5.92 -22.97 -21.03
CA LEU A 205 5.26 -24.26 -21.09
C LEU A 205 3.92 -24.17 -21.80
N ASP A 206 3.69 -25.09 -22.73
CA ASP A 206 2.41 -25.22 -23.40
C ASP A 206 1.41 -25.86 -22.43
N ALA A 207 0.38 -25.10 -22.06
CA ALA A 207 -0.59 -25.55 -21.04
C ALA A 207 -2.00 -25.75 -21.60
N ASP A 208 -2.09 -25.83 -22.93
CA ASP A 208 -3.23 -26.47 -23.57
C ASP A 208 -2.85 -27.97 -23.56
N LEU A 209 -3.53 -28.72 -22.70
CA LEU A 209 -3.18 -30.13 -22.35
C LEU A 209 -2.01 -30.74 -23.12
N THR B 12 15.00 -8.04 10.59
CA THR B 12 15.92 -6.89 10.30
C THR B 12 15.27 -6.05 9.22
N LYS B 13 14.84 -4.86 9.62
CA LYS B 13 13.92 -4.06 8.83
C LYS B 13 14.66 -3.09 7.93
N TYR B 14 13.99 -2.65 6.87
CA TYR B 14 14.53 -1.57 6.07
C TYR B 14 14.66 -0.32 6.95
N ALA B 15 15.82 0.33 6.86
CA ALA B 15 16.14 1.59 7.55
C ALA B 15 16.62 1.45 9.01
N GLU B 16 16.54 0.23 9.56
CA GLU B 16 17.04 -0.04 10.92
C GLU B 16 18.52 0.34 11.09
N GLY B 17 18.86 0.96 12.23
CA GLY B 17 20.23 1.38 12.52
C GLY B 17 20.77 2.53 11.66
N THR B 18 19.93 3.11 10.82
CA THR B 18 20.38 4.20 9.96
C THR B 18 19.88 5.56 10.41
N GLN B 19 19.13 5.60 11.50
CA GLN B 19 18.33 6.79 11.79
C GLN B 19 18.72 7.53 13.07
N PRO B 20 18.77 8.87 13.01
CA PRO B 20 19.05 9.65 14.22
C PRO B 20 17.85 9.72 15.13
N PHE B 21 18.11 10.19 16.36
CA PHE B 21 17.07 10.70 17.26
C PHE B 21 16.03 11.47 16.44
N THR B 22 14.77 11.07 16.60
CA THR B 22 13.72 11.62 15.76
C THR B 22 12.54 12.20 16.52
N VAL B 23 12.20 13.44 16.20
CA VAL B 23 11.05 14.13 16.78
C VAL B 23 9.94 14.27 15.75
N LEU B 24 8.73 13.91 16.15
CA LEU B 24 7.54 14.02 15.32
C LEU B 24 6.61 15.12 15.81
N ILE B 25 6.34 16.08 14.94
CA ILE B 25 5.49 17.22 15.23
C ILE B 25 4.06 16.85 14.88
N GLU B 26 3.23 16.67 15.90
CA GLU B 26 1.83 16.32 15.72
C GLU B 26 0.83 17.41 16.18
N GLY B 27 -0.37 17.36 15.61
CA GLY B 27 -1.49 18.21 16.00
C GLY B 27 -2.52 18.29 14.88
N ASN B 28 -3.69 18.86 15.20
CA ASN B 28 -4.80 18.94 14.26
C ASN B 28 -4.44 19.68 12.97
N ILE B 29 -5.30 19.54 11.96
CA ILE B 29 -5.21 20.40 10.79
C ILE B 29 -5.26 21.82 11.31
N GLY B 30 -4.29 22.62 10.92
CA GLY B 30 -4.30 24.02 11.29
C GLY B 30 -3.88 24.32 12.71
N SER B 31 -3.13 23.40 13.32
CA SER B 31 -2.64 23.63 14.68
C SER B 31 -1.33 24.41 14.71
N GLY B 32 -0.77 24.70 13.53
CA GLY B 32 0.47 25.45 13.42
C GLY B 32 1.71 24.58 13.28
N LYS B 33 1.55 23.36 12.78
CA LYS B 33 2.66 22.42 12.70
C LYS B 33 3.77 22.88 11.78
N THR B 34 3.41 23.30 10.57
CA THR B 34 4.38 23.76 9.60
C THR B 34 5.08 25.03 10.11
N THR B 35 4.29 26.05 10.48
CA THR B 35 4.77 27.29 11.11
C THR B 35 5.79 27.04 12.23
N TYR B 36 5.47 26.12 13.13
CA TYR B 36 6.36 25.78 14.23
C TYR B 36 7.72 25.22 13.73
N LEU B 37 7.67 24.25 12.82
CA LEU B 37 8.86 23.68 12.19
C LEU B 37 9.69 24.71 11.44
N ASN B 38 9.03 25.64 10.77
CA ASN B 38 9.72 26.71 10.06
C ASN B 38 10.73 27.48 10.91
N HIS B 39 10.44 27.64 12.20
CA HIS B 39 11.41 28.27 13.12
C HIS B 39 12.80 27.61 13.11
N PHE B 40 12.82 26.31 12.82
CA PHE B 40 14.05 25.54 12.78
C PHE B 40 14.82 25.68 11.46
N GLU B 41 14.27 26.39 10.48
CA GLU B 41 14.85 26.39 9.11
C GLU B 41 16.31 26.86 9.01
N LYS B 42 16.69 27.86 9.81
CA LYS B 42 18.06 28.36 9.77
C LYS B 42 19.09 27.30 10.21
N TYR B 43 18.58 26.19 10.77
CA TYR B 43 19.41 25.06 11.18
C TYR B 43 19.42 23.88 10.20
N LYS B 44 18.89 24.11 9.01
CA LYS B 44 18.94 23.18 7.85
C LYS B 44 20.16 22.30 7.65
N ASN B 45 21.30 22.74 8.13
CA ASN B 45 22.58 22.06 7.95
C ASN B 45 22.85 21.10 9.10
N ASP B 46 22.19 21.35 10.24
CA ASP B 46 22.39 20.53 11.44
C ASP B 46 21.29 19.50 11.65
N ILE B 47 20.08 19.82 11.18
CA ILE B 47 18.89 19.01 11.44
C ILE B 47 18.24 18.58 10.12
N CYS B 48 17.82 17.31 10.07
CA CYS B 48 16.99 16.87 8.95
C CYS B 48 15.55 17.29 9.19
N LEU B 49 15.08 18.23 8.36
CA LEU B 49 13.71 18.76 8.46
C LEU B 49 12.83 18.31 7.30
N LEU B 50 11.83 17.49 7.61
CA LEU B 50 10.89 17.00 6.61
C LEU B 50 9.55 17.58 6.96
N THR B 51 9.17 18.63 6.23
CA THR B 51 8.01 19.43 6.59
C THR B 51 7.00 19.41 5.47
N GLU B 52 5.76 19.73 5.81
CA GLU B 52 4.76 20.09 4.80
C GLU B 52 4.51 18.99 3.77
N PRO B 53 4.15 17.77 4.22
CA PRO B 53 3.82 16.71 3.26
C PRO B 53 2.57 16.96 2.36
N VAL B 54 1.69 17.89 2.74
CA VAL B 54 0.51 18.17 1.90
C VAL B 54 0.89 18.45 0.46
N GLU B 55 2.04 19.09 0.26
CA GLU B 55 2.50 19.52 -1.05
C GLU B 55 2.69 18.37 -2.04
N LYS B 56 3.09 17.21 -1.53
CA LYS B 56 3.14 15.98 -2.33
C LYS B 56 1.75 15.46 -2.65
N TRP B 57 0.84 15.54 -1.68
CA TRP B 57 -0.53 15.03 -1.85
C TRP B 57 -1.33 15.86 -2.84
N ARG B 58 -0.92 17.12 -3.01
CA ARG B 58 -1.60 18.03 -3.94
C ARG B 58 -1.10 17.86 -5.37
N ASN B 59 -0.01 17.10 -5.54
CA ASN B 59 0.60 16.91 -6.85
C ASN B 59 1.22 15.52 -6.95
N VAL B 60 0.42 14.55 -7.37
CA VAL B 60 0.92 13.21 -7.59
C VAL B 60 1.01 13.01 -9.10
N ASN B 61 2.21 13.27 -9.62
CA ASN B 61 2.50 13.44 -11.05
C ASN B 61 1.39 14.16 -11.78
N GLY B 62 1.02 15.32 -11.24
CA GLY B 62 0.03 16.20 -11.84
C GLY B 62 -1.37 16.04 -11.29
N VAL B 63 -1.63 14.98 -10.50
CA VAL B 63 -2.96 14.75 -9.89
C VAL B 63 -3.03 15.26 -8.45
N ASN B 64 -4.08 16.02 -8.15
CA ASN B 64 -4.31 16.53 -6.82
C ASN B 64 -5.17 15.54 -5.99
N LEU B 65 -4.52 14.62 -5.30
CA LEU B 65 -5.23 13.63 -4.47
C LEU B 65 -5.94 14.26 -3.28
N LEU B 66 -5.37 15.34 -2.73
CA LEU B 66 -6.02 16.07 -1.67
C LEU B 66 -7.37 16.56 -2.17
N GLU B 67 -7.35 17.26 -3.30
CA GLU B 67 -8.57 17.78 -3.93
C GLU B 67 -9.65 16.70 -4.16
N LEU B 68 -9.29 15.58 -4.82
CA LEU B 68 -10.26 14.50 -5.12
C LEU B 68 -10.81 13.80 -3.88
N MET B 69 -9.99 13.71 -2.83
CA MET B 69 -10.42 13.13 -1.57
C MET B 69 -11.53 13.97 -0.92
N TYR B 70 -11.36 15.29 -0.89
CA TYR B 70 -12.39 16.15 -0.32
C TYR B 70 -13.71 16.14 -1.10
N LYS B 71 -13.61 16.08 -2.43
CA LYS B 71 -14.78 16.14 -3.31
C LYS B 71 -15.64 14.90 -3.32
N ASP B 72 -15.03 13.73 -3.19
CA ASP B 72 -15.76 12.45 -3.22
C ASP B 72 -15.01 11.38 -2.40
N PRO B 73 -15.12 11.46 -1.06
CA PRO B 73 -14.48 10.58 -0.08
C PRO B 73 -14.81 9.08 -0.21
N LYS B 74 -16.05 8.73 -0.51
CA LYS B 74 -16.38 7.32 -0.64
C LYS B 74 -15.62 6.66 -1.81
N LYS B 75 -15.11 7.48 -2.72
CA LYS B 75 -14.23 6.98 -3.79
C LYS B 75 -12.75 7.15 -3.45
N TRP B 76 -12.38 8.31 -2.93
CA TRP B 76 -10.95 8.65 -2.82
C TRP B 76 -10.30 8.51 -1.47
N ALA B 77 -11.08 8.16 -0.45
CA ALA B 77 -10.59 7.97 0.90
C ALA B 77 -9.42 7.02 0.88
N MET B 78 -9.62 5.87 0.27
CA MET B 78 -8.67 4.77 0.34
C MET B 78 -7.39 5.03 -0.48
N PRO B 79 -7.53 5.36 -1.78
CA PRO B 79 -6.30 5.70 -2.50
C PRO B 79 -5.51 6.84 -1.85
N PHE B 80 -6.21 7.83 -1.30
CA PHE B 80 -5.53 8.97 -0.67
C PHE B 80 -4.74 8.53 0.56
N GLN B 81 -5.38 7.71 1.41
CA GLN B 81 -4.74 7.14 2.61
C GLN B 81 -3.59 6.19 2.31
N SER B 82 -3.77 5.38 1.26
CA SER B 82 -2.66 4.61 0.75
C SER B 82 -1.45 5.51 0.45
N TYR B 83 -1.68 6.63 -0.24
CA TYR B 83 -0.58 7.53 -0.58
C TYR B 83 -0.02 8.27 0.66
N VAL B 84 -0.88 8.61 1.62
CA VAL B 84 -0.39 9.26 2.83
C VAL B 84 0.56 8.32 3.51
N THR B 85 0.16 7.05 3.60
CA THR B 85 1.05 6.01 4.17
C THR B 85 2.39 5.97 3.43
N LEU B 86 2.36 5.88 2.11
CA LEU B 86 3.63 5.89 1.37
C LEU B 86 4.50 7.09 1.73
N THR B 87 3.97 8.30 1.67
CA THR B 87 4.82 9.48 1.89
C THR B 87 5.42 9.56 3.32
N MET B 88 4.63 9.21 4.35
CA MET B 88 5.14 9.10 5.74
C MET B 88 6.29 8.10 5.85
N LEU B 89 6.08 6.91 5.30
CA LEU B 89 7.13 5.88 5.20
C LEU B 89 8.39 6.38 4.51
N GLN B 90 8.25 7.15 3.43
CA GLN B 90 9.43 7.75 2.78
C GLN B 90 10.16 8.79 3.63
N SER B 91 9.43 9.55 4.43
CA SER B 91 10.06 10.49 5.36
C SER B 91 10.69 9.76 6.59
N HIS B 92 9.93 8.91 7.25
CA HIS B 92 10.49 8.09 8.33
C HIS B 92 11.82 7.38 7.97
N THR B 93 11.87 6.78 6.79
CA THR B 93 13.04 5.99 6.38
C THR B 93 14.03 6.78 5.56
N ALA B 94 13.77 8.07 5.35
CA ALA B 94 14.70 8.89 4.59
C ALA B 94 16.07 8.93 5.26
N PRO B 95 17.14 8.81 4.45
CA PRO B 95 18.48 8.74 5.00
C PRO B 95 19.03 10.13 5.34
N THR B 96 19.81 10.21 6.42
CA THR B 96 20.51 11.46 6.79
C THR B 96 21.74 11.24 7.66
N ASN B 97 22.73 12.11 7.51
CA ASN B 97 23.94 12.01 8.32
C ASN B 97 23.86 12.81 9.63
N LYS B 98 22.85 13.67 9.71
CA LYS B 98 22.65 14.59 10.84
C LYS B 98 22.23 13.90 12.15
N LYS B 99 22.59 14.51 13.28
CA LYS B 99 22.32 13.96 14.62
C LYS B 99 20.83 14.04 14.99
N LEU B 100 20.05 14.76 14.18
CA LEU B 100 18.63 15.01 14.49
C LEU B 100 17.69 15.09 13.28
N LYS B 101 16.54 14.42 13.39
CA LYS B 101 15.47 14.51 12.40
C LYS B 101 14.18 15.02 13.03
N ILE B 102 13.56 16.03 12.42
CA ILE B 102 12.25 16.50 12.87
C ILE B 102 11.23 16.47 11.72
N MET B 103 10.08 15.84 11.99
CA MET B 103 9.08 15.56 10.95
C MET B 103 7.74 16.17 11.27
N GLU B 104 7.10 16.76 10.26
CA GLU B 104 5.70 17.12 10.39
C GLU B 104 4.86 15.85 10.15
N ARG B 105 4.01 15.52 11.12
CA ARG B 105 3.17 14.32 11.06
C ARG B 105 3.99 13.03 11.10
N SER B 106 3.29 11.90 11.10
CA SER B 106 3.91 10.59 11.21
C SER B 106 2.92 9.57 10.65
N ILE B 107 3.37 8.36 10.40
CA ILE B 107 2.44 7.30 10.10
C ILE B 107 1.40 7.07 11.22
N PHE B 108 1.78 7.32 12.47
CA PHE B 108 0.85 7.09 13.63
C PHE B 108 -0.43 7.94 13.62
N SER B 109 -0.33 9.22 13.25
CA SER B 109 -1.56 10.04 13.17
C SER B 109 -2.47 9.65 12.01
N ALA B 110 -1.87 9.22 10.90
CA ALA B 110 -2.65 8.70 9.78
C ALA B 110 -3.39 7.47 10.24
N ARG B 111 -2.71 6.58 10.96
CA ARG B 111 -3.37 5.35 11.42
C ARG B 111 -4.38 5.63 12.52
N TYR B 112 -3.96 6.33 13.57
CA TYR B 112 -4.79 6.45 14.79
C TYR B 112 -5.90 7.51 14.72
N CYS B 113 -5.73 8.53 13.88
CA CYS B 113 -6.67 9.64 13.82
C CYS B 113 -7.51 9.63 12.55
N PHE B 114 -6.87 9.90 11.42
CA PHE B 114 -7.59 9.97 10.15
C PHE B 114 -8.26 8.66 9.73
N VAL B 115 -7.51 7.55 9.69
CA VAL B 115 -8.05 6.29 9.19
C VAL B 115 -9.20 5.83 10.09
N GLU B 116 -8.96 5.94 11.40
CA GLU B 116 -9.97 5.63 12.40
C GLU B 116 -11.25 6.46 12.20
N ASN B 117 -11.09 7.75 11.95
CA ASN B 117 -12.24 8.64 11.79
C ASN B 117 -13.07 8.35 10.55
N MET B 118 -12.38 8.00 9.47
CA MET B 118 -13.01 7.71 8.19
C MET B 118 -13.68 6.36 8.20
N ARG B 119 -13.26 5.50 9.11
CA ARG B 119 -13.95 4.25 9.36
C ARG B 119 -15.31 4.52 10.02
N ARG B 120 -15.29 5.39 11.04
CA ARG B 120 -16.48 5.76 11.80
C ARG B 120 -17.42 6.56 10.92
N ASN B 121 -16.88 7.54 10.20
CA ASN B 121 -17.70 8.35 9.29
C ASN B 121 -18.10 7.63 7.99
N GLY B 122 -17.65 6.39 7.82
CA GLY B 122 -18.04 5.54 6.70
C GLY B 122 -17.41 5.83 5.35
N SER B 123 -16.38 6.67 5.32
CA SER B 123 -15.66 6.92 4.06
C SER B 123 -14.86 5.69 3.64
N LEU B 124 -14.42 4.92 4.65
CA LEU B 124 -13.76 3.65 4.44
C LEU B 124 -14.71 2.55 4.86
N GLU B 125 -15.07 1.71 3.90
CA GLU B 125 -15.87 0.52 4.13
C GLU B 125 -15.01 -0.49 4.86
N GLN B 126 -15.65 -1.48 5.47
CA GLN B 126 -14.92 -2.49 6.24
C GLN B 126 -13.72 -3.06 5.48
N GLY B 127 -13.95 -3.41 4.20
CA GLY B 127 -12.95 -4.05 3.37
C GLY B 127 -11.75 -3.17 3.14
N MET B 128 -12.03 -1.89 2.88
CA MET B 128 -10.97 -0.91 2.70
C MET B 128 -10.16 -0.74 3.99
N TYR B 129 -10.88 -0.63 5.10
CA TYR B 129 -10.26 -0.48 6.40
C TYR B 129 -9.33 -1.66 6.72
N ASN B 130 -9.82 -2.88 6.54
CA ASN B 130 -9.01 -4.08 6.77
C ASN B 130 -7.71 -4.12 5.96
N THR B 131 -7.79 -3.71 4.69
CA THR B 131 -6.63 -3.62 3.80
C THR B 131 -5.60 -2.72 4.43
N LEU B 132 -5.99 -1.49 4.75
CA LEU B 132 -5.08 -0.53 5.39
C LEU B 132 -4.48 -1.09 6.68
N GLU B 133 -5.30 -1.80 7.46
CA GLU B 133 -4.86 -2.37 8.71
C GLU B 133 -3.87 -3.54 8.59
N GLU B 134 -4.05 -4.40 7.59
CA GLU B 134 -3.07 -5.47 7.35
C GLU B 134 -1.77 -4.87 6.83
N TRP B 135 -1.89 -3.84 6.00
CA TRP B 135 -0.71 -3.10 5.55
C TRP B 135 0.08 -2.52 6.75
N TYR B 136 -0.63 -1.90 7.70
CA TYR B 136 -0.02 -1.39 8.92
C TYR B 136 0.69 -2.50 9.69
N LYS B 137 0.05 -3.65 9.88
CA LYS B 137 0.73 -4.77 10.52
C LYS B 137 2.03 -5.18 9.79
N PHE B 138 2.00 -5.17 8.45
CA PHE B 138 3.16 -5.57 7.67
C PHE B 138 4.30 -4.54 7.71
N ILE B 139 3.94 -3.26 7.76
CA ILE B 139 4.93 -2.19 7.90
C ILE B 139 5.72 -2.28 9.21
N GLU B 140 5.01 -2.50 10.34
CA GLU B 140 5.66 -2.68 11.64
C GLU B 140 6.63 -3.84 11.52
N GLU B 141 6.18 -4.94 10.91
CA GLU B 141 7.00 -6.14 10.81
C GLU B 141 8.23 -5.97 9.90
N SER B 142 8.17 -5.03 8.96
CA SER B 142 9.16 -4.95 7.87
C SER B 142 9.93 -3.62 7.71
N ILE B 143 9.40 -2.54 8.26
CA ILE B 143 10.05 -1.25 8.07
C ILE B 143 10.24 -0.48 9.36
N HIS B 144 11.48 -0.06 9.62
CA HIS B 144 11.81 0.69 10.86
C HIS B 144 11.27 2.11 10.89
N VAL B 145 10.39 2.41 11.83
CA VAL B 145 9.93 3.79 12.07
C VAL B 145 10.56 4.34 13.35
N GLN B 146 11.55 5.23 13.18
CA GLN B 146 12.25 5.85 14.32
C GLN B 146 11.35 6.88 15.00
N ALA B 147 11.21 6.76 16.32
CA ALA B 147 10.33 7.66 17.09
C ALA B 147 10.80 7.85 18.54
N ASP B 148 11.29 9.06 18.83
CA ASP B 148 11.86 9.35 20.14
C ASP B 148 11.03 10.34 20.93
N LEU B 149 10.41 11.29 20.23
CA LEU B 149 9.64 12.34 20.87
C LEU B 149 8.52 12.86 19.96
N ILE B 150 7.30 12.88 20.47
CA ILE B 150 6.22 13.59 19.81
C ILE B 150 5.97 14.90 20.56
N ILE B 151 5.94 16.00 19.81
CA ILE B 151 5.48 17.31 20.31
C ILE B 151 4.07 17.56 19.80
N TYR B 152 3.11 17.55 20.72
CA TYR B 152 1.70 17.73 20.38
C TYR B 152 1.28 19.20 20.46
N LEU B 153 1.12 19.86 19.32
CA LEU B 153 0.63 21.24 19.29
C LEU B 153 -0.87 21.24 19.59
N ARG B 154 -1.21 21.33 20.87
CA ARG B 154 -2.60 21.19 21.28
C ARG B 154 -3.35 22.50 21.04
N THR B 155 -4.53 22.37 20.44
CA THR B 155 -5.38 23.51 20.11
C THR B 155 -6.82 23.06 20.30
N SER B 156 -7.74 24.01 20.38
CA SER B 156 -9.15 23.66 20.35
C SER B 156 -9.61 23.76 18.90
N PRO B 157 -10.66 22.99 18.53
CA PRO B 157 -11.19 22.91 17.17
C PRO B 157 -11.60 24.24 16.52
N GLU B 158 -12.05 25.20 17.33
CA GLU B 158 -12.45 26.52 16.84
C GLU B 158 -11.25 27.29 16.35
N VAL B 159 -10.15 27.21 17.10
CA VAL B 159 -8.91 27.91 16.75
C VAL B 159 -8.40 27.32 15.44
N ALA B 160 -8.28 25.98 15.42
CA ALA B 160 -7.87 25.23 14.22
C ALA B 160 -8.72 25.63 13.01
N TYR B 161 -10.03 25.75 13.21
CA TYR B 161 -10.90 26.14 12.10
C TYR B 161 -10.52 27.50 11.54
N GLU B 162 -10.19 28.42 12.42
CA GLU B 162 -9.96 29.79 11.99
C GLU B 162 -8.65 29.88 11.23
N ARG B 163 -7.62 29.24 11.77
CA ARG B 163 -6.34 29.18 11.08
C ARG B 163 -6.49 28.60 9.68
N ILE B 164 -7.30 27.54 9.55
CA ILE B 164 -7.52 26.88 8.27
C ILE B 164 -8.07 27.83 7.19
N ARG B 165 -9.18 28.52 7.48
CA ARG B 165 -9.84 29.36 6.49
C ARG B 165 -9.01 30.59 6.09
N GLN B 166 -8.19 31.09 7.02
CA GLN B 166 -7.25 32.19 6.76
C GLN B 166 -6.15 31.79 5.79
N ARG B 167 -5.57 30.61 6.03
CA ARG B 167 -4.57 30.02 5.14
C ARG B 167 -5.18 29.83 3.77
N ALA B 168 -6.40 29.32 3.74
CA ALA B 168 -7.25 29.33 2.54
C ALA B 168 -6.77 28.41 1.40
N ARG B 169 -6.55 27.13 1.72
CA ARG B 169 -6.33 26.14 0.67
C ARG B 169 -7.66 25.83 -0.02
N SER B 170 -7.71 26.05 -1.34
CA SER B 170 -8.91 25.73 -2.14
C SER B 170 -9.50 24.35 -1.84
N GLU B 171 -8.65 23.34 -1.71
CA GLU B 171 -9.08 21.98 -1.37
C GLU B 171 -9.84 21.93 -0.04
N GLU B 172 -9.41 22.75 0.92
CA GLU B 172 -9.92 22.70 2.30
C GLU B 172 -11.15 23.56 2.61
N SER B 173 -11.71 24.22 1.58
CA SER B 173 -12.75 25.24 1.79
C SER B 173 -14.12 24.71 2.29
N CYS B 174 -14.30 23.39 2.38
CA CYS B 174 -15.56 22.81 2.86
C CYS B 174 -15.40 21.93 4.10
N VAL B 175 -14.20 21.95 4.69
CA VAL B 175 -13.90 21.22 5.93
C VAL B 175 -14.84 21.66 7.08
N PRO B 176 -15.73 20.77 7.53
CA PRO B 176 -16.61 21.15 8.64
C PRO B 176 -15.89 21.20 9.99
N LEU B 177 -16.27 22.15 10.83
CA LEU B 177 -15.84 22.19 12.23
C LEU B 177 -16.05 20.87 12.99
N LYS B 178 -17.17 20.20 12.72
CA LYS B 178 -17.48 18.88 13.30
C LYS B 178 -16.31 17.92 13.08
N TYR B 179 -15.89 17.82 11.83
CA TYR B 179 -14.75 17.03 11.44
C TYR B 179 -13.51 17.34 12.26
N LEU B 180 -13.21 18.63 12.42
CA LEU B 180 -12.10 19.07 13.28
C LEU B 180 -12.30 18.75 14.75
N GLN B 181 -13.55 18.56 15.17
CA GLN B 181 -13.83 18.10 16.54
C GLN B 181 -13.64 16.59 16.66
N GLU B 182 -14.08 15.86 15.63
CA GLU B 182 -13.82 14.43 15.58
C GLU B 182 -12.32 14.16 15.61
N LEU B 183 -11.56 14.90 14.82
CA LEU B 183 -10.10 14.77 14.77
C LEU B 183 -9.42 15.15 16.09
N HIS B 184 -9.82 16.30 16.66
CA HIS B 184 -9.39 16.72 17.99
C HIS B 184 -9.47 15.57 18.99
N GLU B 185 -10.66 14.97 19.10
CA GLU B 185 -10.87 13.90 20.08
C GLU B 185 -9.79 12.84 19.90
N LEU B 186 -9.62 12.38 18.65
CA LEU B 186 -8.73 11.26 18.38
C LEU B 186 -7.27 11.56 18.72
N HIS B 187 -6.83 12.79 18.43
CA HIS B 187 -5.51 13.24 18.86
C HIS B 187 -5.41 13.22 20.40
N GLU B 188 -6.51 13.52 21.10
CA GLU B 188 -6.53 13.48 22.58
C GLU B 188 -6.42 12.04 23.10
N ASP B 189 -7.32 11.19 22.64
CA ASP B 189 -7.32 9.76 22.95
C ASP B 189 -5.93 9.15 22.73
N TRP B 190 -5.30 9.48 21.62
CA TRP B 190 -4.00 8.92 21.29
C TRP B 190 -2.90 9.54 22.17
N LEU B 191 -2.85 10.86 22.24
CA LEU B 191 -1.65 11.55 22.74
C LEU B 191 -1.70 12.03 24.18
N ILE B 192 -2.87 11.97 24.81
CA ILE B 192 -3.03 12.42 26.19
C ILE B 192 -3.62 11.34 27.07
N HIS B 193 -4.74 10.77 26.65
CA HIS B 193 -5.41 9.72 27.41
C HIS B 193 -4.86 8.32 27.09
N GLN B 194 -3.71 8.28 26.42
CA GLN B 194 -2.97 7.03 26.17
C GLN B 194 -3.82 5.83 25.75
N ARG B 195 -4.75 6.05 24.83
CA ARG B 195 -5.71 5.02 24.46
C ARG B 195 -5.25 4.09 23.32
N ARG B 196 -4.19 4.48 22.61
CA ARG B 196 -3.64 3.67 21.50
C ARG B 196 -2.38 2.90 21.88
N PRO B 197 -2.22 1.67 21.30
CA PRO B 197 -1.11 0.75 21.56
C PRO B 197 0.26 1.42 21.66
N GLN B 198 0.57 2.29 20.71
CA GLN B 198 1.88 2.95 20.59
C GLN B 198 2.23 3.82 21.81
N SER B 199 3.52 3.82 22.18
CA SER B 199 4.04 4.74 23.21
C SER B 199 5.56 5.02 23.15
N CYS B 200 5.87 6.29 22.88
CA CYS B 200 7.16 6.94 23.18
C CYS B 200 6.82 8.29 23.86
N LYS B 201 7.84 9.08 24.20
CA LYS B 201 7.65 10.32 24.99
C LYS B 201 6.86 11.40 24.26
N VAL B 202 5.91 11.99 24.98
CA VAL B 202 5.04 13.05 24.45
C VAL B 202 5.20 14.37 25.22
N LEU B 203 5.46 15.45 24.49
CA LEU B 203 5.51 16.79 25.07
C LEU B 203 4.34 17.65 24.57
N VAL B 204 3.45 18.02 25.50
CA VAL B 204 2.23 18.76 25.16
C VAL B 204 2.50 20.26 25.21
N LEU B 205 2.23 20.95 24.11
CA LEU B 205 2.31 22.41 24.05
C LEU B 205 0.95 23.02 23.76
N ASP B 206 0.64 24.13 24.42
CA ASP B 206 -0.57 24.89 24.13
C ASP B 206 -0.25 25.88 23.01
N ALA B 207 -1.16 25.99 22.05
CA ALA B 207 -0.91 26.78 20.85
C ALA B 207 -2.08 27.71 20.47
N ASP B 208 -2.61 28.45 21.46
CA ASP B 208 -3.73 29.38 21.26
C ASP B 208 -3.31 30.83 21.50
#